data_5HX8
#
_entry.id   5HX8
#
_cell.length_a   42.760
_cell.length_b   172.970
_cell.length_c   44.720
_cell.angle_alpha   90.000
_cell.angle_beta   93.600
_cell.angle_gamma   90.000
#
_symmetry.space_group_name_H-M   'P 1 21 1'
#
loop_
_entity.id
_entity.type
_entity.pdbx_description
1 polymer 'Tyrosine-protein kinase JAK1'
2 non-polymer 4-[(4-aminocyclohexyl)amino]-3-(1H-benzimidazol-2-yl)-1H-pyridin-2-one
3 water water
#
_entity_poly.entity_id   1
_entity_poly.type   'polypeptide(L)'
_entity_poly.pdbx_seq_one_letter_code
;GDIVSEKKPATEVDPTHFEKRFLKRIRDLGEGHFGKVELCRYDPEGDNTGEQVAVKSLKPESGGNHIADLKKEIEILRNL
YHENIVKYKGICTEDGGNGIKLIMEFLPSGSLKEYLPKNKNKINLKQQLKYAVQICKGMDYLGSRQYVHRDLAARNVLVE
SEHQVKIGDFGLTKAIETDKE(PTR)(PTR)TVKDDRDSPVFWYAPECLMQSKFYIASDVWSFGVTLHELLTYCDSDSSP
MALFLKMIGPTHGQMTVTRLVNTLKEGKRLPCPPNCPDEVYQLMRKCWEFQPSNRTSFQNLIEGFEALLK
;
_entity_poly.pdbx_strand_id   A,B
#
loop_
_chem_comp.id
_chem_comp.type
_chem_comp.name
_chem_comp.formula
66P non-polymer 4-[(4-aminocyclohexyl)amino]-3-(1H-benzimidazol-2-yl)-1H-pyridin-2-one 'C18 H21 N5 O'
#
# COMPACT_ATOMS: atom_id res chain seq x y z
N ILE A 3 60.21 -11.85 31.29
CA ILE A 3 58.77 -11.59 31.20
C ILE A 3 58.27 -11.95 29.80
N VAL A 4 57.16 -12.71 29.75
CA VAL A 4 56.53 -13.20 28.53
C VAL A 4 55.94 -12.11 27.64
N SER A 5 56.04 -12.32 26.32
CA SER A 5 55.53 -11.48 25.22
C SER A 5 55.43 -12.35 23.97
N GLU A 6 54.26 -12.34 23.30
CA GLU A 6 54.01 -13.13 22.09
C GLU A 6 54.82 -12.59 20.90
N LYS A 7 55.51 -13.49 20.16
CA LYS A 7 56.27 -13.12 18.97
C LYS A 7 55.30 -12.85 17.82
N LYS A 8 55.49 -11.72 17.12
CA LYS A 8 54.61 -11.33 16.02
C LYS A 8 55.09 -11.82 14.64
N PRO A 9 54.25 -12.56 13.88
CA PRO A 9 54.67 -13.01 12.54
C PRO A 9 54.51 -11.89 11.51
N ALA A 10 55.00 -12.12 10.26
CA ALA A 10 54.93 -11.15 9.16
C ALA A 10 53.48 -10.80 8.80
N THR A 11 53.08 -9.54 9.09
CA THR A 11 51.75 -9.00 8.83
C THR A 11 51.46 -8.84 7.33
N GLU A 12 50.70 -9.78 6.76
CA GLU A 12 50.33 -9.77 5.34
C GLU A 12 49.22 -8.71 5.15
N VAL A 13 49.66 -7.45 4.92
CA VAL A 13 48.80 -6.27 4.73
C VAL A 13 47.76 -6.49 3.60
N ASP A 14 46.47 -6.38 3.98
CA ASP A 14 45.30 -6.56 3.12
C ASP A 14 44.93 -5.26 2.39
N PRO A 15 44.94 -5.25 1.03
CA PRO A 15 44.55 -4.02 0.30
C PRO A 15 43.05 -3.74 0.31
N THR A 16 42.23 -4.77 0.65
CA THR A 16 40.77 -4.66 0.73
C THR A 16 40.32 -4.31 2.15
N HIS A 17 41.28 -4.05 3.07
CA HIS A 17 40.96 -3.67 4.45
C HIS A 17 41.27 -2.20 4.64
N PHE A 18 40.24 -1.42 4.95
CA PHE A 18 40.33 0.02 5.14
C PHE A 18 40.13 0.34 6.62
N GLU A 19 41.14 0.98 7.25
CA GLU A 19 41.12 1.37 8.67
C GLU A 19 40.18 2.54 8.85
N LYS A 20 39.25 2.44 9.82
CA LYS A 20 38.26 3.47 10.16
C LYS A 20 38.88 4.85 10.39
N ARG A 21 40.02 4.90 11.11
CA ARG A 21 40.75 6.14 11.44
C ARG A 21 41.23 6.95 10.20
N PHE A 22 41.43 6.27 9.05
CA PHE A 22 41.89 6.92 7.82
C PHE A 22 40.77 7.26 6.85
N LEU A 23 39.57 6.71 7.07
CA LEU A 23 38.39 6.93 6.24
C LEU A 23 37.74 8.23 6.69
N LYS A 24 37.96 9.30 5.91
CA LYS A 24 37.48 10.65 6.23
C LYS A 24 36.35 11.10 5.31
N ARG A 25 35.17 11.35 5.92
CA ARG A 25 33.94 11.79 5.25
C ARG A 25 34.08 13.16 4.58
N ILE A 26 33.62 13.25 3.30
CA ILE A 26 33.62 14.48 2.48
C ILE A 26 32.16 15.00 2.38
N ARG A 27 31.22 14.12 1.98
CA ARG A 27 29.78 14.43 1.80
C ARG A 27 28.91 13.18 1.62
N ASP A 28 27.59 13.36 1.61
CA ASP A 28 26.61 12.30 1.40
C ASP A 28 26.38 12.16 -0.11
N LEU A 29 26.23 10.92 -0.59
CA LEU A 29 25.99 10.63 -1.99
C LEU A 29 24.55 10.20 -2.21
N GLY A 30 24.04 9.41 -1.28
CA GLY A 30 22.67 8.91 -1.31
C GLY A 30 22.20 8.37 0.02
N GLU A 31 20.88 8.18 0.12
CA GLU A 31 20.19 7.66 1.30
C GLU A 31 19.33 6.49 0.80
N GLY A 32 19.93 5.31 0.77
CA GLY A 32 19.30 4.06 0.30
C GLY A 32 18.21 3.49 1.17
N HIS A 33 17.82 2.23 0.87
CA HIS A 33 16.78 1.47 1.56
C HIS A 33 17.16 1.20 3.03
N PHE A 34 18.34 0.59 3.26
CA PHE A 34 18.83 0.29 4.60
C PHE A 34 20.22 0.91 4.85
N GLY A 35 20.24 2.19 5.22
CA GLY A 35 21.48 2.89 5.52
C GLY A 35 21.78 4.22 4.87
N LYS A 36 23.05 4.38 4.41
CA LYS A 36 23.59 5.59 3.80
C LYS A 36 24.85 5.29 2.95
N VAL A 37 25.09 6.11 1.91
CA VAL A 37 26.25 6.04 1.03
C VAL A 37 26.91 7.41 1.09
N GLU A 38 28.20 7.44 1.42
CA GLU A 38 28.97 8.68 1.55
C GLU A 38 30.26 8.68 0.74
N LEU A 39 30.70 9.87 0.34
CA LEU A 39 31.96 10.05 -0.36
C LEU A 39 33.00 10.29 0.74
N CYS A 40 34.05 9.44 0.76
CA CYS A 40 35.15 9.53 1.71
C CYS A 40 36.47 9.55 0.97
N ARG A 41 37.52 9.97 1.67
CA ARG A 41 38.86 9.97 1.16
C ARG A 41 39.65 9.10 2.13
N TYR A 42 40.17 7.94 1.65
CA TYR A 42 40.98 7.07 2.49
C TYR A 42 42.34 7.73 2.49
N ASP A 43 42.63 8.48 3.55
CA ASP A 43 43.84 9.28 3.68
C ASP A 43 44.84 8.78 4.77
N PRO A 44 45.53 7.61 4.59
CA PRO A 44 46.49 7.17 5.62
C PRO A 44 47.68 8.10 5.86
N GLU A 45 48.04 8.94 4.86
CA GLU A 45 49.14 9.89 4.98
C GLU A 45 48.71 11.22 5.61
N GLY A 46 47.39 11.41 5.76
CA GLY A 46 46.76 12.59 6.38
C GLY A 46 47.06 13.94 5.75
N ASP A 47 47.22 13.98 4.43
CA ASP A 47 47.54 15.20 3.69
C ASP A 47 46.57 15.51 2.53
N ASN A 48 45.36 14.92 2.55
CA ASN A 48 44.30 15.11 1.54
C ASN A 48 44.70 14.62 0.11
N THR A 49 45.62 13.62 0.01
CA THR A 49 46.04 13.07 -1.28
C THR A 49 45.50 11.66 -1.56
N GLY A 50 44.87 11.07 -0.55
CA GLY A 50 44.30 9.72 -0.62
C GLY A 50 43.20 9.54 -1.64
N GLU A 51 42.93 8.28 -2.02
CA GLU A 51 41.89 7.97 -3.00
C GLU A 51 40.49 8.24 -2.47
N GLN A 52 39.62 8.72 -3.35
CA GLN A 52 38.22 8.97 -3.04
C GLN A 52 37.50 7.64 -3.22
N VAL A 53 36.69 7.27 -2.23
CA VAL A 53 35.95 6.01 -2.25
C VAL A 53 34.50 6.25 -1.87
N ALA A 54 33.59 5.38 -2.34
CA ALA A 54 32.17 5.45 -1.99
C ALA A 54 32.01 4.47 -0.82
N VAL A 55 31.45 4.94 0.31
CA VAL A 55 31.30 4.13 1.52
C VAL A 55 29.84 3.92 1.86
N LYS A 56 29.39 2.65 1.84
CA LYS A 56 28.02 2.28 2.17
C LYS A 56 27.99 1.71 3.60
N SER A 57 27.18 2.30 4.46
CA SER A 57 27.03 1.86 5.86
C SER A 57 25.58 1.95 6.28
N LEU A 58 25.27 1.46 7.51
CA LEU A 58 23.92 1.48 8.07
C LEU A 58 23.75 2.58 9.10
N LYS A 59 22.51 3.05 9.28
CA LYS A 59 22.19 4.07 10.28
C LYS A 59 21.77 3.28 11.55
N PRO A 60 22.35 3.56 12.75
CA PRO A 60 21.97 2.79 13.95
C PRO A 60 20.51 2.96 14.40
N ASN A 65 21.03 -6.06 13.21
CA ASN A 65 19.63 -6.11 12.79
C ASN A 65 19.53 -6.18 11.25
N HIS A 66 19.92 -5.10 10.55
CA HIS A 66 19.94 -5.05 9.09
C HIS A 66 21.39 -5.23 8.60
N ILE A 67 22.30 -5.56 9.56
CA ILE A 67 23.72 -5.82 9.35
C ILE A 67 23.86 -7.08 8.49
N ALA A 68 22.96 -8.07 8.70
CA ALA A 68 22.94 -9.33 7.95
C ALA A 68 22.74 -9.08 6.45
N ASP A 69 21.86 -8.12 6.08
CA ASP A 69 21.58 -7.75 4.70
C ASP A 69 22.77 -7.09 4.03
N LEU A 70 23.44 -6.14 4.75
CA LEU A 70 24.63 -5.45 4.26
C LEU A 70 25.77 -6.44 4.00
N LYS A 71 26.00 -7.38 4.94
CA LYS A 71 27.04 -8.42 4.82
C LYS A 71 26.82 -9.30 3.59
N LYS A 72 25.56 -9.66 3.32
CA LYS A 72 25.17 -10.47 2.15
C LYS A 72 25.35 -9.65 0.86
N GLU A 73 25.09 -8.33 0.92
CA GLU A 73 25.25 -7.42 -0.21
C GLU A 73 26.76 -7.31 -0.52
N ILE A 74 27.61 -7.18 0.52
CA ILE A 74 29.07 -7.13 0.44
C ILE A 74 29.60 -8.39 -0.26
N GLU A 75 29.14 -9.58 0.20
CA GLU A 75 29.59 -10.87 -0.36
C GLU A 75 29.19 -11.03 -1.83
N ILE A 76 28.01 -10.51 -2.22
CA ILE A 76 27.53 -10.57 -3.62
C ILE A 76 28.47 -9.72 -4.51
N LEU A 77 28.66 -8.43 -4.14
CA LEU A 77 29.47 -7.47 -4.89
C LEU A 77 30.95 -7.87 -5.00
N ARG A 78 31.50 -8.46 -3.91
CA ARG A 78 32.89 -8.92 -3.84
C ARG A 78 33.21 -9.95 -4.94
N ASN A 79 32.21 -10.78 -5.31
CA ASN A 79 32.37 -11.83 -6.32
C ASN A 79 31.78 -11.49 -7.69
N LEU A 80 31.42 -10.22 -7.94
CA LEU A 80 30.93 -9.80 -9.24
C LEU A 80 32.09 -9.11 -9.94
N TYR A 81 32.38 -9.54 -11.19
CA TYR A 81 33.48 -8.98 -12.01
C TYR A 81 32.97 -8.78 -13.43
N HIS A 82 32.61 -7.53 -13.77
CA HIS A 82 32.10 -7.17 -15.09
C HIS A 82 32.35 -5.69 -15.30
N GLU A 83 32.68 -5.28 -16.54
CA GLU A 83 32.96 -3.87 -16.84
C GLU A 83 31.78 -2.94 -16.53
N ASN A 84 30.55 -3.47 -16.56
CA ASN A 84 29.33 -2.71 -16.27
C ASN A 84 28.75 -2.95 -14.85
N ILE A 85 29.61 -3.34 -13.91
CA ILE A 85 29.23 -3.52 -12.51
C ILE A 85 30.22 -2.73 -11.68
N VAL A 86 29.73 -1.85 -10.78
CA VAL A 86 30.56 -1.03 -9.87
C VAL A 86 31.59 -1.92 -9.16
N LYS A 87 32.85 -1.47 -9.13
CA LYS A 87 33.92 -2.23 -8.52
C LYS A 87 33.92 -2.15 -6.99
N TYR A 88 34.00 -3.33 -6.38
CA TYR A 88 34.11 -3.52 -4.94
C TYR A 88 35.59 -3.21 -4.63
N LYS A 89 35.86 -2.37 -3.61
CA LYS A 89 37.23 -2.05 -3.22
C LYS A 89 37.61 -2.75 -1.92
N GLY A 90 36.65 -2.93 -1.03
CA GLY A 90 36.90 -3.58 0.24
C GLY A 90 35.87 -3.35 1.31
N ILE A 91 36.33 -3.49 2.58
CA ILE A 91 35.51 -3.32 3.77
C ILE A 91 36.24 -2.58 4.90
N CYS A 92 35.44 -2.00 5.79
CA CYS A 92 35.88 -1.33 6.99
C CYS A 92 35.15 -2.05 8.14
N THR A 93 35.88 -2.85 8.93
CA THR A 93 35.34 -3.62 10.07
C THR A 93 35.50 -2.88 11.41
N GLU A 94 34.60 -3.15 12.37
CA GLU A 94 34.59 -2.54 13.70
C GLU A 94 35.67 -3.16 14.59
N ASN A 98 30.74 -5.58 15.65
CA ASN A 98 30.18 -6.36 14.54
C ASN A 98 29.73 -5.49 13.34
N GLY A 99 29.89 -4.16 13.47
CA GLY A 99 29.53 -3.19 12.44
C GLY A 99 30.47 -3.24 11.25
N ILE A 100 29.92 -3.13 10.03
CA ILE A 100 30.68 -3.19 8.77
C ILE A 100 30.31 -2.06 7.79
N LYS A 101 31.29 -1.60 6.98
CA LYS A 101 31.11 -0.57 5.95
C LYS A 101 31.62 -1.13 4.61
N LEU A 102 30.82 -0.99 3.53
CA LEU A 102 31.17 -1.44 2.19
C LEU A 102 31.90 -0.33 1.43
N ILE A 103 33.15 -0.60 0.98
CA ILE A 103 33.95 0.37 0.21
C ILE A 103 33.86 0.00 -1.27
N MET A 104 33.46 0.97 -2.10
CA MET A 104 33.31 0.83 -3.55
C MET A 104 34.04 1.95 -4.25
N GLU A 105 34.35 1.77 -5.56
CA GLU A 105 34.98 2.81 -6.36
C GLU A 105 34.03 4.03 -6.44
N PHE A 106 34.61 5.23 -6.52
CA PHE A 106 33.84 6.46 -6.58
C PHE A 106 33.80 6.97 -8.01
N LEU A 107 32.60 7.14 -8.52
CA LEU A 107 32.36 7.63 -9.88
C LEU A 107 31.79 9.05 -9.69
N PRO A 108 32.63 10.08 -9.89
CA PRO A 108 32.19 11.47 -9.66
C PRO A 108 30.98 11.95 -10.45
N SER A 109 30.68 11.31 -11.62
CA SER A 109 29.52 11.73 -12.42
C SER A 109 28.19 11.28 -11.81
N GLY A 110 28.25 10.37 -10.83
CA GLY A 110 27.07 9.85 -10.17
C GLY A 110 26.21 8.98 -11.07
N SER A 111 24.92 8.89 -10.74
CA SER A 111 23.98 8.09 -11.50
C SER A 111 23.45 8.87 -12.71
N LEU A 112 22.70 8.17 -13.58
CA LEU A 112 22.04 8.73 -14.75
C LEU A 112 21.07 9.83 -14.32
N LYS A 113 20.42 9.69 -13.14
CA LYS A 113 19.49 10.68 -12.58
C LYS A 113 20.16 12.04 -12.42
N GLU A 114 21.44 12.06 -11.99
CA GLU A 114 22.24 13.27 -11.81
C GLU A 114 22.83 13.77 -13.14
N TYR A 115 23.40 12.85 -13.90
CA TYR A 115 24.11 13.06 -15.15
C TYR A 115 23.25 13.45 -16.35
N LEU A 116 22.25 12.63 -16.73
CA LEU A 116 21.41 12.86 -17.92
C LEU A 116 20.73 14.24 -17.99
N PRO A 117 20.06 14.79 -16.95
CA PRO A 117 19.43 16.12 -17.10
C PRO A 117 20.42 17.27 -17.37
N LYS A 118 21.69 17.08 -17.00
CA LYS A 118 22.75 18.08 -17.18
C LYS A 118 23.62 17.88 -18.43
N ASN A 119 23.53 16.71 -19.09
CA ASN A 119 24.35 16.41 -20.26
C ASN A 119 23.55 16.03 -21.53
N LYS A 120 22.30 16.52 -21.65
CA LYS A 120 21.40 16.26 -22.80
C LYS A 120 22.06 16.54 -24.16
N ASN A 121 22.78 17.68 -24.25
CA ASN A 121 23.51 18.11 -25.44
C ASN A 121 24.65 17.14 -25.83
N LYS A 122 25.22 16.43 -24.85
CA LYS A 122 26.31 15.47 -25.02
C LYS A 122 25.84 14.05 -25.37
N ILE A 123 24.64 13.67 -24.89
CA ILE A 123 24.09 12.32 -25.08
C ILE A 123 22.95 12.28 -26.08
N ASN A 124 23.22 11.74 -27.26
CA ASN A 124 22.23 11.59 -28.32
C ASN A 124 21.63 10.17 -28.25
N LEU A 125 20.65 9.85 -29.14
CA LEU A 125 20.01 8.54 -29.19
C LEU A 125 21.01 7.37 -29.31
N LYS A 126 22.06 7.52 -30.14
CA LYS A 126 23.08 6.47 -30.32
C LYS A 126 23.75 6.13 -28.98
N GLN A 127 24.16 7.17 -28.21
CA GLN A 127 24.79 7.00 -26.91
C GLN A 127 23.81 6.38 -25.88
N GLN A 128 22.55 6.77 -25.94
CA GLN A 128 21.49 6.25 -25.07
C GLN A 128 21.31 4.75 -25.31
N LEU A 129 21.31 4.30 -26.58
CA LEU A 129 21.19 2.88 -26.95
C LEU A 129 22.42 2.07 -26.51
N LYS A 130 23.60 2.72 -26.50
CA LYS A 130 24.85 2.08 -26.04
C LYS A 130 24.81 1.84 -24.54
N TYR A 131 24.26 2.80 -23.77
CA TYR A 131 24.09 2.68 -22.31
C TYR A 131 23.15 1.51 -22.05
N ALA A 132 22.03 1.44 -22.80
CA ALA A 132 21.04 0.36 -22.70
C ALA A 132 21.70 -1.02 -22.88
N VAL A 133 22.60 -1.17 -23.90
CA VAL A 133 23.34 -2.41 -24.17
C VAL A 133 24.17 -2.81 -22.94
N GLN A 134 24.92 -1.85 -22.39
CA GLN A 134 25.79 -2.00 -21.23
C GLN A 134 24.99 -2.36 -19.96
N ILE A 135 23.79 -1.78 -19.79
CA ILE A 135 22.92 -2.10 -18.64
C ILE A 135 22.49 -3.56 -18.81
N CYS A 136 22.07 -3.96 -20.02
CA CYS A 136 21.65 -5.35 -20.34
C CYS A 136 22.76 -6.37 -20.12
N LYS A 137 24.01 -6.03 -20.52
CA LYS A 137 25.17 -6.92 -20.35
C LYS A 137 25.49 -7.18 -18.87
N GLY A 138 25.44 -6.12 -18.04
CA GLY A 138 25.69 -6.24 -16.60
C GLY A 138 24.59 -7.05 -15.95
N MET A 139 23.34 -6.81 -16.39
CA MET A 139 22.15 -7.50 -15.92
C MET A 139 22.16 -8.98 -16.32
N ASP A 140 22.64 -9.28 -17.54
CA ASP A 140 22.73 -10.65 -18.04
C ASP A 140 23.82 -11.40 -17.28
N TYR A 141 24.93 -10.71 -16.94
CA TYR A 141 26.03 -11.29 -16.16
C TYR A 141 25.48 -11.65 -14.77
N LEU A 142 24.64 -10.77 -14.19
CA LEU A 142 24.01 -10.97 -12.88
C LEU A 142 23.06 -12.17 -12.89
N GLY A 143 22.25 -12.26 -13.95
CA GLY A 143 21.28 -13.34 -14.16
C GLY A 143 21.89 -14.71 -14.33
N SER A 144 23.05 -14.78 -15.01
CA SER A 144 23.78 -16.03 -15.27
C SER A 144 24.39 -16.62 -13.98
N ARG A 145 24.61 -15.76 -12.97
CA ARG A 145 25.14 -16.17 -11.67
C ARG A 145 23.99 -16.40 -10.67
N GLN A 146 22.76 -16.58 -11.22
CA GLN A 146 21.48 -16.85 -10.54
C GLN A 146 21.11 -15.78 -9.49
N TYR A 147 21.05 -14.52 -9.93
CA TYR A 147 20.71 -13.39 -9.07
C TYR A 147 19.60 -12.53 -9.66
N VAL A 148 18.75 -11.97 -8.77
CA VAL A 148 17.70 -11.03 -9.13
C VAL A 148 18.09 -9.72 -8.49
N HIS A 149 18.11 -8.63 -9.27
CA HIS A 149 18.51 -7.31 -8.79
C HIS A 149 17.43 -6.65 -7.90
N ARG A 150 16.17 -6.63 -8.38
CA ARG A 150 14.98 -6.08 -7.70
C ARG A 150 15.00 -4.53 -7.47
N ASP A 151 16.03 -3.81 -7.97
CA ASP A 151 16.07 -2.37 -7.76
C ASP A 151 16.63 -1.66 -8.99
N LEU A 152 16.38 -2.23 -10.19
CA LEU A 152 16.89 -1.65 -11.43
C LEU A 152 16.08 -0.44 -11.83
N ALA A 153 16.70 0.73 -11.63
CA ALA A 153 16.17 2.05 -11.92
C ALA A 153 17.37 2.86 -12.41
N ALA A 154 17.12 3.97 -13.12
CA ALA A 154 18.16 4.88 -13.64
C ALA A 154 19.04 5.44 -12.52
N ARG A 155 18.45 5.62 -11.31
CA ARG A 155 19.15 6.10 -10.11
C ARG A 155 20.20 5.08 -9.61
N ASN A 156 20.08 3.80 -10.03
CA ASN A 156 21.07 2.78 -9.61
C ASN A 156 22.07 2.45 -10.73
N VAL A 157 22.08 3.28 -11.79
CA VAL A 157 22.99 3.14 -12.93
C VAL A 157 23.97 4.30 -12.86
N LEU A 158 25.22 4.00 -12.50
CA LEU A 158 26.32 4.95 -12.35
C LEU A 158 27.02 5.22 -13.67
N VAL A 159 27.45 6.47 -13.87
CA VAL A 159 28.15 6.90 -15.07
C VAL A 159 29.66 6.92 -14.76
N GLU A 160 30.43 6.10 -15.49
CA GLU A 160 31.90 5.99 -15.37
C GLU A 160 32.53 7.08 -16.24
N SER A 161 31.86 7.40 -17.36
CA SER A 161 32.21 8.39 -18.39
C SER A 161 31.04 8.47 -19.37
N GLU A 162 31.19 9.34 -20.38
CA GLU A 162 30.25 9.58 -21.48
C GLU A 162 29.96 8.30 -22.29
N HIS A 163 30.90 7.34 -22.29
CA HIS A 163 30.83 6.08 -23.05
C HIS A 163 30.59 4.84 -22.19
N GLN A 164 30.59 4.97 -20.85
CA GLN A 164 30.41 3.80 -20.00
C GLN A 164 29.57 4.03 -18.76
N VAL A 165 28.60 3.10 -18.54
CA VAL A 165 27.72 3.02 -17.37
C VAL A 165 27.98 1.72 -16.58
N LYS A 166 27.61 1.69 -15.28
CA LYS A 166 27.78 0.55 -14.39
C LYS A 166 26.63 0.48 -13.40
N ILE A 167 26.09 -0.73 -13.17
CA ILE A 167 25.05 -0.95 -12.16
C ILE A 167 25.79 -0.70 -10.84
N GLY A 168 25.39 0.36 -10.14
CA GLY A 168 26.07 0.79 -8.92
C GLY A 168 25.52 0.51 -7.54
N ASP A 169 24.46 -0.29 -7.41
CA ASP A 169 23.89 -0.62 -6.09
C ASP A 169 23.29 -1.99 -6.14
N PHE A 170 23.50 -2.80 -5.09
CA PHE A 170 23.02 -4.18 -5.02
C PHE A 170 22.30 -4.51 -3.70
N GLY A 171 21.79 -3.45 -3.05
CA GLY A 171 21.08 -3.52 -1.78
C GLY A 171 19.88 -4.44 -1.70
N LEU A 172 19.21 -4.74 -2.83
CA LEU A 172 18.03 -5.61 -2.86
C LEU A 172 18.27 -6.92 -3.64
N THR A 173 19.52 -7.16 -4.08
CA THR A 173 19.91 -8.33 -4.88
C THR A 173 19.73 -9.63 -4.07
N LYS A 174 18.97 -10.56 -4.65
CA LYS A 174 18.67 -11.86 -4.05
C LYS A 174 19.07 -12.98 -4.98
N ALA A 175 19.40 -14.14 -4.40
CA ALA A 175 19.80 -15.32 -5.17
C ALA A 175 18.56 -16.18 -5.48
N ILE A 176 18.46 -16.69 -6.71
CA ILE A 176 17.36 -17.58 -7.09
C ILE A 176 17.93 -19.00 -6.89
N GLU A 177 17.24 -19.84 -6.08
CA GLU A 177 17.63 -21.22 -5.79
C GLU A 177 17.74 -22.04 -7.08
N THR A 178 18.73 -22.97 -7.14
CA THR A 178 18.93 -23.84 -8.30
C THR A 178 17.68 -24.71 -8.48
N ASP A 179 17.23 -24.88 -9.75
CA ASP A 179 16.04 -25.62 -10.15
C ASP A 179 14.76 -24.96 -9.57
N LYS A 180 14.74 -23.62 -9.68
CA LYS A 180 13.67 -22.70 -9.25
C LYS A 180 13.72 -21.48 -10.19
N GLU A 181 12.56 -20.90 -10.52
CA GLU A 181 12.47 -19.75 -11.42
C GLU A 181 12.38 -18.38 -10.73
N PTR A 182 11.99 -18.33 -9.45
CA PTR A 182 11.86 -17.05 -8.76
C PTR A 182 12.28 -17.04 -7.29
O PTR A 182 12.59 -18.07 -6.71
CB PTR A 182 10.37 -16.58 -8.92
CG PTR A 182 9.35 -17.46 -8.21
CD1 PTR A 182 8.68 -18.47 -8.96
CD2 PTR A 182 9.06 -17.27 -6.84
CE1 PTR A 182 7.75 -19.30 -8.32
CE2 PTR A 182 8.12 -18.10 -6.19
CZ PTR A 182 7.45 -19.13 -6.92
OH PTR A 182 6.54 -19.86 -6.14
P PTR A 182 6.08 -21.27 -6.57
O1P PTR A 182 5.41 -21.84 -5.31
O2P PTR A 182 7.25 -22.20 -6.93
O3P PTR A 182 5.10 -21.16 -7.75
N PTR A 183 12.23 -15.84 -6.70
CA PTR A 183 12.52 -15.57 -5.30
C PTR A 183 11.25 -14.95 -4.69
O PTR A 183 10.62 -14.10 -5.32
CB PTR A 183 13.73 -14.60 -5.15
CG PTR A 183 13.97 -14.23 -3.72
CD1 PTR A 183 13.48 -13.00 -3.21
CD2 PTR A 183 14.67 -15.13 -2.87
CE1 PTR A 183 13.68 -12.66 -1.84
CE2 PTR A 183 14.87 -14.79 -1.52
CZ PTR A 183 14.38 -13.54 -0.97
OH PTR A 183 14.52 -13.10 0.36
P PTR A 183 15.16 -14.02 1.47
O1P PTR A 183 15.03 -13.27 2.80
O2P PTR A 183 14.46 -15.39 1.64
O3P PTR A 183 16.67 -14.27 1.17
N THR A 184 10.90 -15.36 -3.46
CA THR A 184 9.73 -14.81 -2.79
C THR A 184 10.20 -13.80 -1.73
N VAL A 185 9.79 -12.53 -1.89
CA VAL A 185 10.18 -11.49 -0.93
C VAL A 185 9.20 -11.47 0.23
N LYS A 186 9.74 -11.30 1.43
CA LYS A 186 8.99 -11.25 2.69
C LYS A 186 8.94 -9.79 3.14
N ASP A 187 10.06 -9.07 2.97
CA ASP A 187 10.17 -7.66 3.33
C ASP A 187 10.03 -6.80 2.08
N ASP A 188 8.78 -6.66 1.58
CA ASP A 188 8.44 -5.88 0.38
C ASP A 188 8.23 -4.39 0.65
N ARG A 189 8.83 -3.89 1.72
CA ARG A 189 8.78 -2.49 2.10
C ARG A 189 10.24 -1.99 2.22
N ASP A 190 10.61 -0.87 1.56
CA ASP A 190 9.77 -0.02 0.71
C ASP A 190 10.14 -0.33 -0.76
N SER A 191 9.28 -1.08 -1.45
CA SER A 191 9.46 -1.51 -2.83
C SER A 191 9.31 -0.40 -3.89
N PRO A 192 10.17 -0.34 -4.94
CA PRO A 192 9.98 0.68 -6.01
C PRO A 192 8.89 0.14 -6.95
N VAL A 193 7.63 0.26 -6.49
CA VAL A 193 6.41 -0.25 -7.12
C VAL A 193 6.22 0.19 -8.59
N PHE A 194 6.60 1.43 -8.97
CA PHE A 194 6.41 1.89 -10.36
C PHE A 194 7.42 1.30 -11.36
N TRP A 195 8.39 0.53 -10.85
CA TRP A 195 9.42 -0.14 -11.63
C TRP A 195 9.20 -1.63 -11.68
N TYR A 196 8.30 -2.16 -10.82
CA TYR A 196 7.99 -3.58 -10.66
C TYR A 196 6.96 -4.16 -11.58
N ALA A 197 7.20 -5.42 -11.97
CA ALA A 197 6.33 -6.23 -12.82
C ALA A 197 5.05 -6.64 -12.01
N PRO A 198 3.93 -7.09 -12.64
CA PRO A 198 2.73 -7.43 -11.87
C PRO A 198 2.88 -8.59 -10.88
N GLU A 199 3.68 -9.63 -11.20
CA GLU A 199 3.93 -10.78 -10.33
C GLU A 199 4.65 -10.38 -9.01
N CYS A 200 5.43 -9.27 -9.04
CA CYS A 200 6.16 -8.72 -7.90
C CYS A 200 5.18 -7.97 -7.00
N LEU A 201 4.21 -7.26 -7.62
CA LEU A 201 3.21 -6.47 -6.91
C LEU A 201 2.07 -7.33 -6.36
N MET A 202 1.65 -8.36 -7.11
CA MET A 202 0.55 -9.25 -6.73
C MET A 202 0.92 -10.37 -5.75
N GLN A 203 1.94 -11.18 -6.10
CA GLN A 203 2.37 -12.33 -5.32
C GLN A 203 3.75 -12.21 -4.68
N SER A 204 4.42 -11.04 -4.81
CA SER A 204 5.77 -10.77 -4.28
C SER A 204 6.81 -11.85 -4.72
N LYS A 205 6.71 -12.25 -6.00
CA LYS A 205 7.56 -13.22 -6.67
C LYS A 205 8.49 -12.45 -7.64
N PHE A 206 9.80 -12.76 -7.61
CA PHE A 206 10.82 -12.12 -8.44
C PHE A 206 11.58 -13.08 -9.35
N TYR A 207 11.29 -12.99 -10.66
CA TYR A 207 11.91 -13.78 -11.71
C TYR A 207 13.01 -12.92 -12.36
N ILE A 208 13.79 -13.50 -13.31
CA ILE A 208 14.81 -12.75 -14.07
C ILE A 208 14.02 -11.79 -15.01
N ALA A 209 12.89 -12.30 -15.55
CA ALA A 209 11.94 -11.59 -16.41
C ALA A 209 11.36 -10.35 -15.67
N SER A 210 11.30 -10.38 -14.32
CA SER A 210 10.85 -9.25 -13.49
C SER A 210 11.87 -8.11 -13.63
N ASP A 211 13.17 -8.45 -13.72
CA ASP A 211 14.27 -7.50 -13.91
C ASP A 211 14.23 -6.89 -15.32
N VAL A 212 13.80 -7.68 -16.34
CA VAL A 212 13.65 -7.26 -17.74
C VAL A 212 12.54 -6.19 -17.78
N TRP A 213 11.45 -6.37 -16.99
CA TRP A 213 10.35 -5.41 -16.88
C TRP A 213 10.92 -4.08 -16.35
N SER A 214 11.67 -4.14 -15.24
CA SER A 214 12.32 -2.98 -14.64
C SER A 214 13.31 -2.33 -15.60
N PHE A 215 13.93 -3.14 -16.50
CA PHE A 215 14.85 -2.57 -17.50
C PHE A 215 14.06 -1.69 -18.45
N GLY A 216 12.89 -2.16 -18.89
CA GLY A 216 11.99 -1.42 -19.78
C GLY A 216 11.68 -0.04 -19.22
N VAL A 217 11.42 0.01 -17.91
CA VAL A 217 11.13 1.25 -17.16
C VAL A 217 12.39 2.11 -17.09
N THR A 218 13.57 1.49 -16.83
CA THR A 218 14.87 2.18 -16.74
C THR A 218 15.22 2.82 -18.10
N LEU A 219 14.87 2.11 -19.21
CA LEU A 219 15.08 2.52 -20.60
C LEU A 219 14.19 3.73 -20.89
N HIS A 220 12.95 3.73 -20.37
CA HIS A 220 12.03 4.85 -20.55
C HIS A 220 12.65 6.10 -19.91
N GLU A 221 13.20 5.98 -18.68
CA GLU A 221 13.85 7.08 -17.96
C GLU A 221 15.06 7.62 -18.71
N LEU A 222 15.85 6.70 -19.29
CA LEU A 222 17.07 6.98 -20.04
C LEU A 222 16.73 7.84 -21.27
N LEU A 223 15.65 7.48 -21.97
CA LEU A 223 15.17 8.17 -23.15
C LEU A 223 14.57 9.54 -22.85
N THR A 224 14.06 9.75 -21.61
CA THR A 224 13.49 11.02 -21.18
C THR A 224 14.54 11.88 -20.48
N TYR A 225 15.83 11.41 -20.46
CA TYR A 225 16.98 12.07 -19.81
C TYR A 225 16.72 12.32 -18.33
N CYS A 226 16.02 11.36 -17.67
CA CYS A 226 15.65 11.40 -16.25
C CYS A 226 14.94 12.70 -15.82
N ASP A 227 14.05 13.24 -16.69
CA ASP A 227 13.29 14.44 -16.36
C ASP A 227 12.29 14.02 -15.29
N SER A 228 12.24 14.76 -14.18
CA SER A 228 11.35 14.51 -13.04
C SER A 228 9.88 14.47 -13.41
N ASP A 229 9.41 15.43 -14.24
CA ASP A 229 8.00 15.54 -14.68
C ASP A 229 7.50 14.36 -15.50
N SER A 230 8.39 13.64 -16.20
CA SER A 230 8.02 12.49 -17.01
C SER A 230 8.58 11.17 -16.44
N SER A 231 8.85 11.16 -15.12
CA SER A 231 9.36 10.01 -14.38
C SER A 231 8.27 8.91 -14.32
N PRO A 232 8.66 7.61 -14.26
CA PRO A 232 7.64 6.53 -14.19
C PRO A 232 6.62 6.71 -13.05
N MET A 233 7.05 7.25 -11.89
CA MET A 233 6.17 7.51 -10.75
C MET A 233 5.17 8.64 -11.13
N ALA A 234 5.68 9.77 -11.67
CA ALA A 234 4.87 10.94 -12.10
C ALA A 234 3.84 10.56 -13.17
N LEU A 235 4.26 9.79 -14.19
CA LEU A 235 3.41 9.35 -15.29
C LEU A 235 2.34 8.33 -14.87
N PHE A 236 2.72 7.33 -14.05
CA PHE A 236 1.76 6.32 -13.59
C PHE A 236 0.72 6.92 -12.63
N LEU A 237 1.13 7.88 -11.78
CA LEU A 237 0.23 8.56 -10.85
C LEU A 237 -0.79 9.44 -11.59
N LYS A 238 -0.47 9.87 -12.83
CA LYS A 238 -1.37 10.65 -13.68
C LYS A 238 -2.41 9.66 -14.26
N MET A 239 -1.96 8.44 -14.59
CA MET A 239 -2.80 7.37 -15.15
C MET A 239 -3.80 6.77 -14.13
N ILE A 240 -3.39 6.66 -12.85
CA ILE A 240 -4.20 6.03 -11.80
C ILE A 240 -4.82 7.00 -10.78
N GLY A 241 -4.18 8.14 -10.55
CA GLY A 241 -4.61 9.15 -9.58
C GLY A 241 -3.56 9.30 -8.50
N PRO A 242 -3.18 10.54 -8.10
CA PRO A 242 -2.12 10.69 -7.08
C PRO A 242 -2.57 10.76 -5.62
N THR A 243 -3.89 10.65 -5.35
CA THR A 243 -4.44 10.74 -3.98
C THR A 243 -5.20 9.48 -3.55
N HIS A 244 -4.62 8.30 -3.77
CA HIS A 244 -5.23 7.02 -3.39
C HIS A 244 -4.58 6.37 -2.16
N GLY A 245 -3.48 6.96 -1.68
CA GLY A 245 -2.73 6.52 -0.52
C GLY A 245 -2.36 5.06 -0.51
N GLN A 246 -2.93 4.29 0.43
CA GLN A 246 -2.70 2.85 0.57
C GLN A 246 -3.33 2.01 -0.55
N MET A 247 -4.17 2.65 -1.41
CA MET A 247 -4.82 1.96 -2.53
C MET A 247 -4.07 2.13 -3.87
N THR A 248 -2.90 2.79 -3.84
CA THR A 248 -2.05 3.07 -5.00
C THR A 248 -1.62 1.81 -5.77
N VAL A 249 -1.00 0.82 -5.07
CA VAL A 249 -0.47 -0.43 -5.63
C VAL A 249 -1.55 -1.30 -6.30
N THR A 250 -2.72 -1.45 -5.66
CA THR A 250 -3.82 -2.25 -6.22
C THR A 250 -4.40 -1.58 -7.48
N ARG A 251 -4.44 -0.24 -7.50
CA ARG A 251 -4.91 0.57 -8.64
C ARG A 251 -3.89 0.46 -9.78
N LEU A 252 -2.57 0.41 -9.43
CA LEU A 252 -1.47 0.25 -10.38
C LEU A 252 -1.57 -1.13 -11.07
N VAL A 253 -1.84 -2.19 -10.29
CA VAL A 253 -2.00 -3.58 -10.77
C VAL A 253 -3.17 -3.64 -11.75
N ASN A 254 -4.28 -2.99 -11.37
CA ASN A 254 -5.52 -2.92 -12.17
C ASN A 254 -5.27 -2.29 -13.52
N THR A 255 -4.54 -1.15 -13.55
CA THR A 255 -4.19 -0.38 -14.75
C THR A 255 -3.31 -1.19 -15.69
N LEU A 256 -2.33 -1.95 -15.14
CA LEU A 256 -1.43 -2.80 -15.93
C LEU A 256 -2.18 -4.00 -16.50
N LYS A 257 -3.15 -4.55 -15.73
CA LYS A 257 -3.98 -5.68 -16.16
C LYS A 257 -4.85 -5.25 -17.36
N GLU A 258 -5.34 -4.00 -17.34
CA GLU A 258 -6.15 -3.36 -18.39
C GLU A 258 -5.36 -3.20 -19.71
N GLY A 259 -4.03 -3.38 -19.65
CA GLY A 259 -3.12 -3.29 -20.78
C GLY A 259 -2.40 -1.96 -20.93
N LYS A 260 -2.61 -1.05 -19.97
CA LYS A 260 -2.00 0.28 -19.97
C LYS A 260 -0.52 0.24 -19.56
N ARG A 261 0.33 0.87 -20.39
CA ARG A 261 1.78 0.94 -20.21
C ARG A 261 2.24 2.37 -20.36
N LEU A 262 3.48 2.67 -19.92
CA LEU A 262 4.05 4.01 -20.04
C LEU A 262 4.06 4.46 -21.52
N PRO A 263 3.80 5.77 -21.81
CA PRO A 263 3.76 6.20 -23.22
C PRO A 263 5.14 6.21 -23.90
N CYS A 264 5.14 6.47 -25.21
CA CYS A 264 6.39 6.55 -25.96
C CYS A 264 7.11 7.82 -25.52
N PRO A 265 8.40 7.76 -25.13
CA PRO A 265 9.10 8.99 -24.72
C PRO A 265 9.18 9.99 -25.88
N PRO A 266 9.18 11.31 -25.62
CA PRO A 266 9.28 12.26 -26.75
C PRO A 266 10.58 12.03 -27.51
N ASN A 267 10.49 12.08 -28.85
CA ASN A 267 11.60 11.90 -29.80
C ASN A 267 12.18 10.46 -29.81
N CYS A 268 11.44 9.48 -29.23
CA CYS A 268 11.89 8.08 -29.25
C CYS A 268 11.28 7.41 -30.48
N PRO A 269 12.11 6.75 -31.33
CA PRO A 269 11.56 6.09 -32.52
C PRO A 269 10.74 4.88 -32.12
N ASP A 270 9.68 4.56 -32.90
CA ASP A 270 8.78 3.42 -32.65
C ASP A 270 9.53 2.10 -32.45
N GLU A 271 10.59 1.85 -33.25
CA GLU A 271 11.41 0.63 -33.18
C GLU A 271 12.11 0.44 -31.82
N VAL A 272 12.45 1.54 -31.12
CA VAL A 272 13.07 1.48 -29.79
C VAL A 272 11.93 1.21 -28.79
N TYR A 273 10.80 1.94 -28.95
CA TYR A 273 9.60 1.82 -28.13
C TYR A 273 9.03 0.41 -28.17
N GLN A 274 9.14 -0.28 -29.31
CA GLN A 274 8.70 -1.65 -29.49
C GLN A 274 9.55 -2.63 -28.67
N LEU A 275 10.88 -2.36 -28.55
CA LEU A 275 11.79 -3.20 -27.75
C LEU A 275 11.43 -3.01 -26.28
N MET A 276 11.07 -1.78 -25.88
CA MET A 276 10.65 -1.36 -24.54
C MET A 276 9.34 -2.08 -24.20
N ARG A 277 8.40 -2.16 -25.17
CA ARG A 277 7.11 -2.85 -25.01
C ARG A 277 7.28 -4.37 -24.79
N LYS A 278 8.33 -4.98 -25.39
CA LYS A 278 8.64 -6.42 -25.26
C LYS A 278 9.06 -6.78 -23.82
N CYS A 279 9.50 -5.77 -23.04
CA CYS A 279 9.90 -5.86 -21.63
C CYS A 279 8.64 -5.84 -20.75
N TRP A 280 7.53 -5.29 -21.28
CA TRP A 280 6.31 -5.11 -20.52
C TRP A 280 5.14 -6.08 -20.83
N GLU A 281 5.43 -7.34 -21.20
CA GLU A 281 4.41 -8.37 -21.43
C GLU A 281 3.90 -8.74 -20.02
N PHE A 282 2.57 -8.78 -19.82
CA PHE A 282 1.97 -9.08 -18.51
C PHE A 282 2.50 -10.37 -17.88
N GLN A 283 2.64 -11.44 -18.68
CA GLN A 283 3.15 -12.72 -18.22
C GLN A 283 4.69 -12.73 -18.29
N PRO A 284 5.39 -13.19 -17.23
CA PRO A 284 6.87 -13.21 -17.27
C PRO A 284 7.45 -14.05 -18.42
N SER A 285 6.81 -15.18 -18.75
CA SER A 285 7.23 -16.10 -19.82
C SER A 285 7.15 -15.51 -21.23
N ASN A 286 6.31 -14.48 -21.43
CA ASN A 286 6.14 -13.85 -22.75
C ASN A 286 7.12 -12.68 -22.99
N ARG A 287 7.79 -12.21 -21.93
CA ARG A 287 8.76 -11.11 -21.97
C ARG A 287 10.05 -11.46 -22.69
N THR A 288 10.68 -10.45 -23.29
CA THR A 288 11.97 -10.59 -23.99
C THR A 288 13.07 -10.90 -22.96
N SER A 289 14.21 -11.40 -23.42
CA SER A 289 15.33 -11.70 -22.53
C SER A 289 16.32 -10.54 -22.61
N PHE A 290 17.40 -10.57 -21.83
CA PHE A 290 18.40 -9.51 -21.92
C PHE A 290 19.21 -9.67 -23.23
N GLN A 291 19.51 -10.92 -23.61
CA GLN A 291 20.24 -11.25 -24.83
C GLN A 291 19.51 -10.82 -26.12
N ASN A 292 18.16 -10.91 -26.14
CA ASN A 292 17.35 -10.49 -27.29
C ASN A 292 17.29 -8.96 -27.38
N LEU A 293 17.42 -8.27 -26.22
CA LEU A 293 17.44 -6.80 -26.14
C LEU A 293 18.76 -6.31 -26.71
N ILE A 294 19.89 -6.94 -26.30
CA ILE A 294 21.24 -6.60 -26.79
C ILE A 294 21.21 -6.69 -28.31
N GLU A 295 20.73 -7.83 -28.85
CA GLU A 295 20.59 -8.06 -30.29
C GLU A 295 19.80 -6.93 -30.95
N GLY A 296 18.64 -6.61 -30.37
CA GLY A 296 17.74 -5.56 -30.83
C GLY A 296 18.36 -4.19 -30.90
N PHE A 297 19.08 -3.77 -29.82
CA PHE A 297 19.75 -2.47 -29.77
C PHE A 297 20.93 -2.40 -30.76
N GLU A 298 21.75 -3.48 -30.84
CA GLU A 298 22.90 -3.58 -31.75
C GLU A 298 22.46 -3.39 -33.21
N ALA A 299 21.34 -4.04 -33.60
CA ALA A 299 20.74 -3.99 -34.93
C ALA A 299 20.44 -2.53 -35.34
N LEU A 300 19.98 -1.71 -34.36
CA LEU A 300 19.65 -0.30 -34.55
C LEU A 300 20.90 0.58 -34.51
N LEU A 301 22.00 0.08 -33.89
CA LEU A 301 23.25 0.84 -33.79
C LEU A 301 24.01 0.93 -35.12
N LYS A 302 24.00 -0.15 -35.93
CA LYS A 302 24.64 -0.22 -37.25
C LYS A 302 23.96 -1.25 -38.13
N VAL B 13 -43.06 27.66 12.79
CA VAL B 13 -41.67 27.32 13.08
C VAL B 13 -41.36 25.87 12.65
N ASP B 14 -40.15 25.64 12.09
CA ASP B 14 -39.68 24.34 11.60
C ASP B 14 -38.99 23.51 12.72
N PRO B 15 -39.54 22.31 13.06
CA PRO B 15 -38.92 21.49 14.14
C PRO B 15 -37.58 20.85 13.77
N THR B 16 -37.27 20.79 12.47
CA THR B 16 -36.01 20.23 11.94
C THR B 16 -34.96 21.35 11.75
N HIS B 17 -35.26 22.56 12.20
CA HIS B 17 -34.31 23.67 12.10
C HIS B 17 -33.75 23.97 13.48
N PHE B 18 -32.44 23.79 13.62
CA PHE B 18 -31.71 24.02 14.85
C PHE B 18 -30.90 25.29 14.70
N GLU B 19 -31.15 26.27 15.57
CA GLU B 19 -30.42 27.54 15.57
C GLU B 19 -29.07 27.31 16.21
N LYS B 20 -27.98 27.68 15.50
CA LYS B 20 -26.60 27.52 15.96
C LYS B 20 -26.34 28.10 17.37
N ARG B 21 -26.97 29.24 17.70
CA ARG B 21 -26.82 29.95 18.98
C ARG B 21 -27.27 29.14 20.19
N PHE B 22 -28.24 28.22 19.99
CA PHE B 22 -28.77 27.39 21.08
C PHE B 22 -28.10 26.02 21.15
N LEU B 23 -27.25 25.72 20.18
CA LEU B 23 -26.54 24.44 20.06
C LEU B 23 -25.21 24.54 20.80
N LYS B 24 -25.14 23.92 22.00
CA LYS B 24 -23.97 23.95 22.88
C LYS B 24 -23.19 22.65 22.88
N ARG B 25 -21.93 22.69 22.40
CA ARG B 25 -21.02 21.54 22.32
C ARG B 25 -20.66 21.02 23.70
N ILE B 26 -20.77 19.70 23.89
CA ILE B 26 -20.45 19.03 25.14
C ILE B 26 -19.12 18.27 24.99
N ARG B 27 -19.04 17.30 24.06
CA ARG B 27 -17.83 16.52 23.82
CA ARG B 27 -17.84 16.48 23.83
C ARG B 27 -17.84 15.84 22.45
N ASP B 28 -16.67 15.34 22.00
CA ASP B 28 -16.51 14.66 20.73
C ASP B 28 -16.99 13.22 20.87
N LEU B 29 -17.71 12.70 19.86
CA LEU B 29 -18.20 11.33 19.90
C LEU B 29 -17.38 10.43 18.99
N GLY B 30 -16.92 10.98 17.87
CA GLY B 30 -16.09 10.28 16.92
C GLY B 30 -15.69 11.12 15.73
N GLU B 31 -14.66 10.67 15.01
CA GLU B 31 -14.10 11.30 13.80
C GLU B 31 -14.20 10.29 12.64
N GLY B 32 -14.03 10.78 11.41
CA GLY B 32 -14.07 9.93 10.23
C GLY B 32 -14.45 10.59 8.92
N HIS B 33 -13.71 10.22 7.85
CA HIS B 33 -13.87 10.68 6.46
C HIS B 33 -13.86 12.22 6.32
N GLY B 35 -15.57 14.90 8.22
CA GLY B 35 -16.65 14.61 9.15
C GLY B 35 -16.21 14.40 10.60
N LYS B 36 -16.86 15.11 11.52
CA LYS B 36 -16.62 15.03 12.97
C LYS B 36 -17.99 14.99 13.65
N VAL B 37 -18.17 14.10 14.65
CA VAL B 37 -19.45 13.99 15.37
C VAL B 37 -19.26 14.43 16.80
N GLU B 38 -20.15 15.29 17.31
CA GLU B 38 -20.08 15.76 18.70
C GLU B 38 -21.41 15.66 19.40
N LEU B 39 -21.38 15.56 20.73
CA LEU B 39 -22.56 15.57 21.58
C LEU B 39 -22.83 17.06 21.85
N CYS B 40 -24.05 17.50 21.60
CA CYS B 40 -24.49 18.88 21.83
C CYS B 40 -25.80 18.86 22.55
N ARG B 41 -26.14 19.97 23.19
CA ARG B 41 -27.41 20.15 23.85
C ARG B 41 -28.10 21.28 23.11
N TYR B 42 -29.32 21.05 22.61
CA TYR B 42 -30.06 22.11 21.96
C TYR B 42 -30.79 22.78 23.11
N ASP B 43 -30.24 23.90 23.61
CA ASP B 43 -30.79 24.61 24.76
C ASP B 43 -31.41 25.99 24.45
N PRO B 44 -32.58 26.08 23.76
CA PRO B 44 -33.17 27.42 23.49
C PRO B 44 -33.50 28.24 24.74
N GLU B 45 -33.81 27.58 25.88
CA GLU B 45 -34.16 28.24 27.14
C GLU B 45 -32.96 28.71 27.98
N GLY B 46 -31.78 28.12 27.79
CA GLY B 46 -30.56 28.48 28.49
C GLY B 46 -30.46 28.10 29.95
N ASP B 47 -31.03 26.95 30.32
CA ASP B 47 -31.01 26.44 31.71
C ASP B 47 -30.57 24.96 31.80
N ASN B 48 -29.95 24.45 30.71
CA ASN B 48 -29.44 23.09 30.56
C ASN B 48 -30.52 22.01 30.67
N THR B 49 -31.76 22.35 30.26
CA THR B 49 -32.88 21.39 30.27
C THR B 49 -33.09 20.82 28.87
N GLY B 50 -32.54 21.50 27.87
CA GLY B 50 -32.63 21.13 26.45
C GLY B 50 -32.19 19.72 26.13
N GLU B 51 -32.67 19.21 24.99
CA GLU B 51 -32.33 17.83 24.57
C GLU B 51 -30.91 17.66 24.03
N GLN B 52 -30.33 16.49 24.31
CA GLN B 52 -29.01 16.08 23.85
C GLN B 52 -29.18 15.52 22.42
N VAL B 53 -28.30 15.94 21.51
CA VAL B 53 -28.32 15.54 20.11
C VAL B 53 -26.88 15.24 19.68
N ALA B 54 -26.73 14.44 18.60
CA ALA B 54 -25.44 14.12 18.01
C ALA B 54 -25.33 15.03 16.78
N VAL B 55 -24.22 15.77 16.66
CA VAL B 55 -24.03 16.75 15.59
C VAL B 55 -22.85 16.42 14.70
N LYS B 56 -23.12 16.18 13.42
CA LYS B 56 -22.07 15.89 12.46
C LYS B 56 -21.75 17.16 11.67
N SER B 57 -20.49 17.54 11.63
CA SER B 57 -20.06 18.71 10.89
C SER B 57 -18.73 18.43 10.21
N LEU B 58 -18.29 19.31 9.31
CA LEU B 58 -17.01 19.14 8.61
C LEU B 58 -15.87 19.76 9.39
N LYS B 59 -14.65 19.20 9.22
CA LYS B 59 -13.45 19.72 9.87
C LYS B 59 -12.79 20.71 8.89
N PRO B 60 -12.49 21.98 9.30
CA PRO B 60 -11.88 22.94 8.34
C PRO B 60 -10.46 22.59 7.91
N ASN B 65 -15.83 21.68 -0.91
CA ASN B 65 -15.11 20.45 -1.22
C ASN B 65 -15.85 19.23 -0.68
N HIS B 66 -15.83 19.03 0.65
CA HIS B 66 -16.50 17.91 1.30
C HIS B 66 -17.90 18.31 1.79
N ILE B 67 -18.29 19.58 1.55
CA ILE B 67 -19.59 20.14 1.89
C ILE B 67 -20.69 19.43 1.10
N ALA B 68 -20.42 19.17 -0.21
CA ALA B 68 -21.36 18.48 -1.08
C ALA B 68 -21.59 17.07 -0.54
N ASP B 69 -20.52 16.39 -0.10
CA ASP B 69 -20.59 15.04 0.46
C ASP B 69 -21.46 14.97 1.71
N LEU B 70 -21.36 15.97 2.61
CA LEU B 70 -22.15 16.04 3.83
C LEU B 70 -23.62 16.28 3.49
N LYS B 71 -23.88 17.20 2.53
CA LYS B 71 -25.21 17.56 2.05
C LYS B 71 -25.92 16.35 1.45
N LYS B 72 -25.16 15.49 0.75
CA LYS B 72 -25.68 14.26 0.14
C LYS B 72 -26.05 13.29 1.28
N GLU B 73 -25.19 13.17 2.31
CA GLU B 73 -25.41 12.31 3.48
C GLU B 73 -26.68 12.75 4.25
N ILE B 74 -26.89 14.08 4.38
CA ILE B 74 -28.07 14.67 5.03
C ILE B 74 -29.35 14.31 4.25
N GLU B 75 -29.30 14.39 2.90
CA GLU B 75 -30.47 14.08 2.08
C GLU B 75 -30.80 12.60 2.12
N ILE B 76 -29.77 11.73 2.23
CA ILE B 76 -29.98 10.28 2.34
C ILE B 76 -30.62 9.97 3.70
N LEU B 77 -29.97 10.38 4.81
CA LEU B 77 -30.50 10.10 6.15
C LEU B 77 -31.90 10.65 6.39
N ARG B 78 -32.19 11.88 5.90
CA ARG B 78 -33.48 12.55 6.04
C ARG B 78 -34.65 11.70 5.49
N ASN B 79 -34.40 10.94 4.42
CA ASN B 79 -35.43 10.14 3.78
C ASN B 79 -35.40 8.67 4.18
N LEU B 80 -34.56 8.29 5.15
CA LEU B 80 -34.50 6.91 5.64
C LEU B 80 -35.31 6.83 6.92
N TYR B 81 -36.36 5.98 6.94
CA TYR B 81 -37.20 5.78 8.12
C TYR B 81 -37.25 4.27 8.41
N HIS B 82 -36.52 3.84 9.44
CA HIS B 82 -36.47 2.44 9.87
C HIS B 82 -36.08 2.34 11.34
N GLU B 83 -36.63 1.35 12.03
CA GLU B 83 -36.40 1.03 13.44
C GLU B 83 -34.91 0.88 13.76
N ASN B 84 -34.15 0.28 12.81
CA ASN B 84 -32.72 0.00 12.92
C ASN B 84 -31.83 0.95 12.16
N ILE B 85 -32.30 2.19 12.00
CA ILE B 85 -31.56 3.28 11.37
C ILE B 85 -31.65 4.50 12.28
N VAL B 86 -30.48 5.07 12.64
CA VAL B 86 -30.40 6.28 13.50
C VAL B 86 -31.35 7.35 12.95
N LYS B 87 -32.14 7.93 13.83
CA LYS B 87 -33.12 8.93 13.44
C LYS B 87 -32.49 10.29 13.17
N TYR B 88 -32.85 10.88 12.01
CA TYR B 88 -32.47 12.21 11.58
C TYR B 88 -33.34 13.15 12.44
N LYS B 89 -32.79 14.24 12.98
CA LYS B 89 -33.56 15.20 13.77
C LYS B 89 -33.72 16.53 13.01
N GLY B 90 -32.69 16.92 12.30
CA GLY B 90 -32.72 18.15 11.53
C GLY B 90 -31.38 18.63 11.04
N ILE B 91 -31.33 19.93 10.73
CA ILE B 91 -30.11 20.59 10.25
C ILE B 91 -29.86 21.90 10.96
N CYS B 92 -28.64 22.37 10.84
CA CYS B 92 -28.17 23.63 11.36
C CYS B 92 -27.33 24.23 10.23
N THR B 93 -27.83 25.29 9.57
CA THR B 93 -27.11 25.94 8.46
C THR B 93 -26.13 27.00 8.94
N ASN B 98 -22.82 29.23 3.67
CA ASN B 98 -23.09 28.01 2.89
C ASN B 98 -22.95 26.72 3.72
N GLY B 99 -22.31 26.80 4.89
CA GLY B 99 -22.08 25.68 5.81
C GLY B 99 -23.32 24.99 6.33
N ILE B 100 -23.15 23.75 6.84
CA ILE B 100 -24.25 22.92 7.36
C ILE B 100 -23.78 21.88 8.42
N LYS B 101 -24.71 21.52 9.33
CA LYS B 101 -24.48 20.51 10.37
C LYS B 101 -25.63 19.56 10.34
N LEU B 102 -25.33 18.26 10.45
CA LEU B 102 -26.35 17.20 10.50
C LEU B 102 -26.69 16.91 11.98
N ILE B 103 -27.99 16.98 12.32
CA ILE B 103 -28.49 16.75 13.67
C ILE B 103 -29.20 15.39 13.73
N MET B 104 -28.72 14.51 14.60
CA MET B 104 -29.27 13.16 14.78
C MET B 104 -29.60 12.92 16.24
N GLU B 105 -30.43 11.90 16.47
CA GLU B 105 -30.73 11.52 17.84
C GLU B 105 -29.43 11.00 18.50
N PHE B 106 -29.33 11.23 19.81
CA PHE B 106 -28.20 10.83 20.61
C PHE B 106 -28.55 9.55 21.37
N LEU B 107 -27.68 8.52 21.23
CA LEU B 107 -27.81 7.21 21.88
C LEU B 107 -26.62 7.10 22.81
N PRO B 108 -26.85 7.33 24.14
CA PRO B 108 -25.75 7.34 25.11
C PRO B 108 -24.86 6.10 25.19
N SER B 109 -25.38 4.90 24.80
CA SER B 109 -24.56 3.68 24.89
C SER B 109 -23.45 3.63 23.83
N GLY B 110 -23.50 4.52 22.84
CA GLY B 110 -22.50 4.54 21.78
C GLY B 110 -22.65 3.38 20.82
N SER B 111 -21.57 2.99 20.19
CA SER B 111 -21.57 1.88 19.24
C SER B 111 -21.31 0.55 19.95
N LEU B 112 -21.34 -0.55 19.17
CA LEU B 112 -21.06 -1.90 19.63
C LEU B 112 -19.63 -1.96 20.16
N LYS B 113 -18.71 -1.17 19.56
CA LYS B 113 -17.31 -1.05 19.95
C LYS B 113 -17.16 -0.51 21.41
N GLU B 114 -18.09 0.36 21.86
CA GLU B 114 -18.05 0.90 23.22
C GLU B 114 -18.86 0.03 24.18
N TYR B 115 -19.98 -0.49 23.70
CA TYR B 115 -20.95 -1.23 24.49
C TYR B 115 -20.64 -2.68 24.73
N LEU B 116 -20.19 -3.42 23.72
CA LEU B 116 -19.95 -4.84 23.90
C LEU B 116 -18.86 -5.17 24.93
N PRO B 117 -17.66 -4.53 24.93
CA PRO B 117 -16.65 -4.91 25.96
C PRO B 117 -17.11 -4.78 27.42
N LYS B 118 -17.98 -3.80 27.71
CA LYS B 118 -18.51 -3.49 29.04
C LYS B 118 -19.82 -4.17 29.44
N ASN B 119 -20.44 -4.96 28.53
CA ASN B 119 -21.72 -5.62 28.79
C ASN B 119 -21.77 -7.08 28.41
N LYS B 120 -20.61 -7.75 28.37
CA LYS B 120 -20.46 -9.19 28.04
C LYS B 120 -21.43 -10.08 28.82
N ASN B 121 -21.63 -9.79 30.13
CA ASN B 121 -22.53 -10.55 31.01
C ASN B 121 -23.99 -10.37 30.62
N LYS B 122 -24.36 -9.17 30.14
CA LYS B 122 -25.73 -8.86 29.71
C LYS B 122 -26.06 -9.43 28.33
N ILE B 123 -25.07 -9.53 27.42
CA ILE B 123 -25.29 -9.94 26.02
C ILE B 123 -24.83 -11.38 25.73
N ASN B 124 -25.80 -12.32 25.69
CA ASN B 124 -25.52 -13.72 25.37
C ASN B 124 -25.62 -13.94 23.84
N LEU B 125 -25.36 -15.18 23.36
CA LEU B 125 -25.41 -15.54 21.93
C LEU B 125 -26.77 -15.19 21.31
N LYS B 126 -27.86 -15.49 22.02
CA LYS B 126 -29.23 -15.21 21.59
C LYS B 126 -29.40 -13.72 21.26
N GLN B 127 -28.92 -12.83 22.16
CA GLN B 127 -28.98 -11.38 21.99
C GLN B 127 -28.07 -10.91 20.84
N GLN B 128 -26.94 -11.58 20.65
CA GLN B 128 -26.02 -11.25 19.56
C GLN B 128 -26.69 -11.59 18.23
N LEU B 129 -27.44 -12.72 18.16
CA LEU B 129 -28.14 -13.11 16.92
C LEU B 129 -29.28 -12.14 16.61
N LYS B 130 -29.90 -11.56 17.66
CA LYS B 130 -30.97 -10.57 17.51
C LYS B 130 -30.43 -9.28 16.93
N TYR B 131 -29.24 -8.84 17.41
CA TYR B 131 -28.54 -7.65 16.93
C TYR B 131 -28.19 -7.85 15.45
N ALA B 132 -27.69 -9.05 15.11
CA ALA B 132 -27.34 -9.41 13.73
C ALA B 132 -28.56 -9.27 12.80
N VAL B 133 -29.75 -9.76 13.23
CA VAL B 133 -31.01 -9.71 12.48
C VAL B 133 -31.35 -8.22 12.24
N GLN B 134 -31.29 -7.40 13.31
CA GLN B 134 -31.57 -5.97 13.28
C GLN B 134 -30.64 -5.22 12.34
N ILE B 135 -29.34 -5.58 12.32
CA ILE B 135 -28.35 -4.97 11.40
C ILE B 135 -28.80 -5.35 9.97
N CYS B 136 -29.09 -6.64 9.72
CA CYS B 136 -29.55 -7.12 8.40
C CYS B 136 -30.82 -6.42 7.90
N LYS B 137 -31.81 -6.20 8.79
CA LYS B 137 -33.06 -5.52 8.45
C LYS B 137 -32.85 -4.05 8.02
N GLY B 138 -31.99 -3.33 8.76
CA GLY B 138 -31.66 -1.94 8.44
C GLY B 138 -30.86 -1.87 7.13
N MET B 139 -29.99 -2.86 6.90
CA MET B 139 -29.15 -2.98 5.69
C MET B 139 -29.97 -3.36 4.45
N ASP B 140 -30.97 -4.24 4.63
CA ASP B 140 -31.86 -4.66 3.56
C ASP B 140 -32.75 -3.49 3.16
N TYR B 141 -33.17 -2.67 4.15
CA TYR B 141 -34.00 -1.49 3.92
C TYR B 141 -33.19 -0.48 3.10
N LEU B 142 -31.89 -0.36 3.38
CA LEU B 142 -30.97 0.53 2.66
C LEU B 142 -30.73 0.01 1.24
N GLY B 143 -30.58 -1.30 1.11
CA GLY B 143 -30.36 -1.97 -0.18
C GLY B 143 -31.51 -1.79 -1.15
N SER B 144 -32.74 -1.83 -0.63
CA SER B 144 -33.98 -1.68 -1.39
C SER B 144 -34.19 -0.25 -1.93
N ARG B 145 -33.61 0.78 -1.26
CA ARG B 145 -33.68 2.19 -1.68
C ARG B 145 -32.51 2.47 -2.67
N GLN B 146 -31.76 1.41 -3.05
CA GLN B 146 -30.64 1.35 -3.98
C GLN B 146 -29.37 2.09 -3.52
N TYR B 147 -29.02 1.91 -2.23
CA TYR B 147 -27.83 2.51 -1.67
C TYR B 147 -26.85 1.45 -1.25
N VAL B 148 -25.55 1.73 -1.39
CA VAL B 148 -24.47 0.88 -0.91
C VAL B 148 -23.92 1.67 0.27
N HIS B 149 -23.79 1.03 1.45
CA HIS B 149 -23.33 1.66 2.68
C HIS B 149 -21.82 1.94 2.67
N ARG B 150 -21.01 0.90 2.33
CA ARG B 150 -19.55 0.98 2.21
C ARG B 150 -18.76 1.19 3.52
N ASP B 151 -19.43 1.33 4.68
CA ASP B 151 -18.73 1.55 5.94
C ASP B 151 -19.32 0.69 7.08
N LEU B 152 -19.86 -0.48 6.72
CA LEU B 152 -20.47 -1.39 7.70
C LEU B 152 -19.43 -2.12 8.53
N ALA B 153 -19.28 -1.62 9.75
CA ALA B 153 -18.37 -2.10 10.79
C ALA B 153 -19.14 -1.98 12.12
N ALA B 154 -18.71 -2.70 13.18
CA ALA B 154 -19.39 -2.63 14.47
C ALA B 154 -19.32 -1.23 15.07
N ARG B 155 -18.30 -0.44 14.72
CA ARG B 155 -18.18 0.93 15.22
C ARG B 155 -19.29 1.87 14.67
N ASN B 156 -20.02 1.43 13.62
CA ASN B 156 -21.10 2.25 13.04
C ASN B 156 -22.46 1.72 13.40
N VAL B 157 -22.51 0.73 14.33
CA VAL B 157 -23.74 0.13 14.80
C VAL B 157 -23.94 0.65 16.22
N LEU B 158 -24.88 1.59 16.36
CA LEU B 158 -25.22 2.23 17.62
C LEU B 158 -26.15 1.37 18.47
N VAL B 159 -26.05 1.49 19.79
CA VAL B 159 -26.87 0.74 20.74
C VAL B 159 -27.94 1.65 21.33
N GLU B 160 -29.22 1.34 21.03
CA GLU B 160 -30.40 2.07 21.51
C GLU B 160 -30.76 1.60 22.92
N SER B 161 -30.63 0.29 23.16
CA SER B 161 -30.88 -0.43 24.41
C SER B 161 -30.26 -1.81 24.28
N GLU B 162 -30.36 -2.64 25.33
CA GLU B 162 -29.82 -4.00 25.29
C GLU B 162 -30.58 -4.89 24.28
N HIS B 163 -31.75 -4.43 23.83
CA HIS B 163 -32.61 -5.15 22.88
C HIS B 163 -32.63 -4.53 21.49
N GLN B 164 -32.03 -3.34 21.31
CA GLN B 164 -32.11 -2.67 20.02
C GLN B 164 -30.86 -1.96 19.57
N VAL B 165 -30.45 -2.22 18.31
CA VAL B 165 -29.31 -1.60 17.62
C VAL B 165 -29.82 -0.81 16.39
N LYS B 166 -29.01 0.15 15.91
CA LYS B 166 -29.29 0.99 14.77
C LYS B 166 -28.03 1.33 14.02
N ILE B 167 -28.04 1.23 12.66
CA ILE B 167 -26.91 1.65 11.83
C ILE B 167 -26.88 3.16 12.05
N GLY B 168 -25.76 3.66 12.55
CA GLY B 168 -25.62 5.06 12.95
C GLY B 168 -24.75 6.03 12.19
N ASP B 169 -24.26 5.65 11.02
CA ASP B 169 -23.41 6.54 10.22
C ASP B 169 -23.58 6.23 8.74
N PHE B 170 -23.71 7.29 7.91
CA PHE B 170 -23.96 7.16 6.46
C PHE B 170 -22.99 8.03 5.61
N GLY B 171 -21.83 8.32 6.17
CA GLY B 171 -20.77 9.12 5.56
C GLY B 171 -20.20 8.64 4.24
N LEU B 172 -20.18 7.31 3.98
CA LEU B 172 -19.67 6.72 2.72
C LEU B 172 -20.80 6.16 1.83
N THR B 173 -22.06 6.26 2.26
CA THR B 173 -23.26 5.78 1.56
C THR B 173 -23.41 6.43 0.19
N LYS B 174 -23.50 5.59 -0.87
CA LYS B 174 -23.63 6.00 -2.26
C LYS B 174 -24.83 5.33 -2.94
N ALA B 175 -25.47 6.04 -3.87
CA ALA B 175 -26.61 5.50 -4.62
C ALA B 175 -26.09 4.69 -5.81
N ILE B 176 -26.73 3.54 -6.09
CA ILE B 176 -26.42 2.71 -7.26
C ILE B 176 -27.45 3.18 -8.30
N GLU B 177 -27.04 3.41 -9.56
CA GLU B 177 -28.02 3.83 -10.57
C GLU B 177 -28.88 2.62 -11.00
N THR B 178 -30.18 2.86 -11.28
CA THR B 178 -31.21 1.88 -11.69
C THR B 178 -30.68 0.84 -12.70
N ASP B 179 -29.87 1.28 -13.68
CA ASP B 179 -29.28 0.44 -14.73
C ASP B 179 -28.15 -0.46 -14.21
N LYS B 180 -27.13 0.15 -13.55
CA LYS B 180 -25.95 -0.52 -13.03
C LYS B 180 -26.21 -1.44 -11.82
N GLU B 181 -25.21 -2.30 -11.50
CA GLU B 181 -25.25 -3.26 -10.40
C GLU B 181 -24.31 -2.82 -9.26
N PTR B 182 -23.39 -1.88 -9.55
CA PTR B 182 -22.42 -1.40 -8.56
C PTR B 182 -22.08 0.09 -8.68
O PTR B 182 -22.46 0.73 -9.67
CB PTR B 182 -21.09 -2.26 -8.76
CG PTR B 182 -20.48 -2.10 -10.14
CD1 PTR B 182 -20.83 -3.02 -11.17
CD2 PTR B 182 -19.58 -1.03 -10.41
CE1 PTR B 182 -20.29 -2.86 -12.46
CE2 PTR B 182 -19.04 -0.86 -11.70
CZ PTR B 182 -19.38 -1.77 -12.76
OH PTR B 182 -18.78 -1.49 -13.98
P PTR B 182 -18.89 -2.44 -15.20
O1P PTR B 182 -18.15 -1.74 -16.33
O2P PTR B 182 -20.35 -2.68 -15.62
O3P PTR B 182 -18.20 -3.75 -14.86
N PTR B 183 -21.34 0.61 -7.70
CA PTR B 183 -20.86 1.99 -7.66
C PTR B 183 -19.32 1.95 -7.81
O PTR B 183 -18.65 1.16 -7.16
CB PTR B 183 -21.29 2.65 -6.29
CG PTR B 183 -20.75 4.05 -6.16
CD1 PTR B 183 -19.51 4.31 -5.49
CD2 PTR B 183 -21.47 5.10 -6.75
CE1 PTR B 183 -19.01 5.63 -5.42
CE2 PTR B 183 -20.98 6.40 -6.67
CZ PTR B 183 -19.74 6.70 -6.01
OH PTR B 183 -19.18 7.98 -5.86
P PTR B 183 -19.76 9.21 -6.69
O1P PTR B 183 -18.77 10.37 -6.48
O2P PTR B 183 -19.82 8.91 -8.20
O3P PTR B 183 -21.18 9.65 -6.23
N THR B 184 -18.77 2.84 -8.65
CA THR B 184 -17.31 2.92 -8.84
C THR B 184 -16.73 4.00 -7.91
N VAL B 185 -15.86 3.60 -6.97
CA VAL B 185 -15.24 4.51 -6.00
C VAL B 185 -13.99 5.18 -6.59
N LYS B 186 -13.84 6.49 -6.30
CA LYS B 186 -12.73 7.34 -6.70
C LYS B 186 -11.86 7.64 -5.46
N ASP B 187 -12.45 8.25 -4.40
CA ASP B 187 -11.71 8.54 -3.18
C ASP B 187 -11.75 7.29 -2.27
N ASP B 188 -10.61 6.59 -2.17
CA ASP B 188 -10.46 5.36 -1.37
C ASP B 188 -9.25 5.39 -0.43
N ARG B 189 -8.66 6.59 -0.24
CA ARG B 189 -7.49 6.87 0.60
C ARG B 189 -7.57 6.27 2.02
N ASP B 190 -8.73 6.42 2.70
CA ASP B 190 -8.93 5.90 4.05
C ASP B 190 -10.09 4.91 4.15
N SER B 191 -10.20 4.03 3.15
CA SER B 191 -11.23 3.00 3.10
C SER B 191 -10.95 1.89 4.15
N PRO B 192 -11.98 1.32 4.83
CA PRO B 192 -11.72 0.26 5.83
C PRO B 192 -11.50 -1.10 5.13
N VAL B 193 -10.28 -1.25 4.57
CA VAL B 193 -9.81 -2.38 3.77
C VAL B 193 -10.04 -3.78 4.40
N PHE B 194 -9.92 -3.91 5.72
CA PHE B 194 -10.11 -5.22 6.37
C PHE B 194 -11.60 -5.65 6.54
N TRP B 195 -12.54 -4.82 6.06
CA TRP B 195 -13.98 -5.06 6.07
C TRP B 195 -14.49 -5.18 4.64
N TYR B 196 -13.62 -4.94 3.65
CA TYR B 196 -13.91 -4.92 2.22
C TYR B 196 -13.75 -6.22 1.45
N ALA B 197 -14.72 -6.46 0.56
CA ALA B 197 -14.76 -7.61 -0.34
C ALA B 197 -13.64 -7.50 -1.40
N PRO B 198 -13.18 -8.61 -2.01
CA PRO B 198 -12.10 -8.52 -3.03
C PRO B 198 -12.32 -7.53 -4.17
N GLU B 199 -13.56 -7.43 -4.72
CA GLU B 199 -13.89 -6.51 -5.82
C GLU B 199 -13.73 -5.03 -5.46
N CYS B 200 -13.88 -4.67 -4.16
CA CYS B 200 -13.71 -3.31 -3.65
C CYS B 200 -12.22 -3.01 -3.61
N LEU B 201 -11.41 -4.02 -3.24
CA LEU B 201 -9.97 -3.88 -3.13
C LEU B 201 -9.25 -3.92 -4.49
N MET B 202 -9.72 -4.77 -5.42
CA MET B 202 -9.12 -4.95 -6.76
C MET B 202 -9.61 -3.97 -7.82
N GLN B 203 -10.94 -3.93 -8.05
CA GLN B 203 -11.56 -3.12 -9.10
C GLN B 203 -12.16 -1.79 -8.64
N SER B 204 -12.30 -1.57 -7.31
CA SER B 204 -12.90 -0.37 -6.72
C SER B 204 -14.44 -0.31 -7.04
N LYS B 205 -15.07 -1.49 -7.18
CA LYS B 205 -16.50 -1.61 -7.46
C LYS B 205 -17.23 -1.97 -6.17
N PHE B 206 -18.40 -1.36 -5.95
CA PHE B 206 -19.17 -1.61 -4.74
C PHE B 206 -20.60 -2.00 -5.03
N TYR B 207 -20.93 -3.30 -4.80
CA TYR B 207 -22.24 -3.95 -4.97
C TYR B 207 -23.00 -4.04 -3.62
N ILE B 208 -24.29 -4.49 -3.63
CA ILE B 208 -25.04 -4.71 -2.38
C ILE B 208 -24.35 -5.89 -1.70
N ALA B 209 -23.86 -6.85 -2.52
CA ALA B 209 -23.13 -8.04 -2.12
C ALA B 209 -21.82 -7.66 -1.41
N SER B 210 -21.28 -6.47 -1.70
CA SER B 210 -20.06 -5.99 -1.04
C SER B 210 -20.39 -5.61 0.42
N ASP B 211 -21.62 -5.12 0.68
CA ASP B 211 -22.13 -4.78 2.00
C ASP B 211 -22.39 -6.06 2.83
N VAL B 212 -22.75 -7.16 2.15
CA VAL B 212 -22.97 -8.48 2.75
C VAL B 212 -21.60 -8.96 3.30
N TRP B 213 -20.51 -8.82 2.52
CA TRP B 213 -19.16 -9.20 2.95
C TRP B 213 -18.79 -8.46 4.24
N SER B 214 -19.01 -7.12 4.28
CA SER B 214 -18.74 -6.27 5.44
C SER B 214 -19.58 -6.69 6.63
N PHE B 215 -20.82 -7.18 6.39
CA PHE B 215 -21.70 -7.65 7.45
C PHE B 215 -21.11 -8.89 8.14
N GLY B 216 -20.55 -9.81 7.36
CA GLY B 216 -19.91 -11.03 7.87
C GLY B 216 -18.77 -10.64 8.78
N VAL B 217 -18.06 -9.58 8.41
CA VAL B 217 -16.95 -9.04 9.20
C VAL B 217 -17.50 -8.36 10.48
N THR B 218 -18.64 -7.63 10.36
CA THR B 218 -19.31 -6.98 11.49
C THR B 218 -19.81 -8.05 12.49
N LEU B 219 -20.36 -9.16 11.96
CA LEU B 219 -20.88 -10.28 12.73
C LEU B 219 -19.74 -10.93 13.53
N HIS B 220 -18.56 -11.03 12.93
CA HIS B 220 -17.39 -11.58 13.56
C HIS B 220 -17.04 -10.72 14.80
N GLU B 221 -17.05 -9.39 14.66
CA GLU B 221 -16.75 -8.43 15.73
C GLU B 221 -17.72 -8.55 16.90
N LEU B 222 -19.02 -8.68 16.56
CA LEU B 222 -20.14 -8.79 17.49
C LEU B 222 -19.96 -10.05 18.37
N LEU B 223 -19.63 -11.17 17.73
CA LEU B 223 -19.40 -12.45 18.37
C LEU B 223 -18.13 -12.44 19.23
N THR B 224 -17.17 -11.53 18.93
CA THR B 224 -15.93 -11.36 19.72
C THR B 224 -16.05 -10.16 20.68
N TYR B 225 -17.28 -9.59 20.82
CA TYR B 225 -17.59 -8.45 21.71
C TYR B 225 -16.67 -7.23 21.48
N CYS B 226 -16.24 -7.02 20.21
CA CYS B 226 -15.36 -5.93 19.78
C CYS B 226 -14.07 -5.82 20.59
N ASP B 227 -13.47 -6.97 20.97
CA ASP B 227 -12.20 -7.00 21.70
C ASP B 227 -11.13 -6.58 20.68
N SER B 228 -10.38 -5.52 21.00
CA SER B 228 -9.34 -4.97 20.12
C SER B 228 -8.30 -6.01 19.63
N ASP B 229 -7.98 -7.02 20.46
CA ASP B 229 -7.01 -8.07 20.10
C ASP B 229 -7.59 -9.14 19.16
N SER B 230 -8.92 -9.20 19.03
CA SER B 230 -9.59 -10.16 18.12
C SER B 230 -10.24 -9.39 16.95
N SER B 231 -9.91 -8.10 16.81
CA SER B 231 -10.45 -7.25 15.74
C SER B 231 -10.04 -7.73 14.35
N PRO B 232 -10.90 -7.56 13.31
CA PRO B 232 -10.53 -8.01 11.96
C PRO B 232 -9.18 -7.49 11.46
N MET B 233 -8.80 -6.24 11.82
CA MET B 233 -7.50 -5.66 11.44
C MET B 233 -6.35 -6.45 12.11
N ALA B 234 -6.36 -6.61 13.45
CA ALA B 234 -5.34 -7.35 14.20
C ALA B 234 -5.20 -8.82 13.75
N LEU B 235 -6.33 -9.48 13.42
CA LEU B 235 -6.32 -10.87 12.96
C LEU B 235 -5.78 -11.00 11.54
N PHE B 236 -6.15 -10.06 10.64
CA PHE B 236 -5.67 -10.06 9.25
C PHE B 236 -4.20 -9.66 9.19
N LEU B 237 -3.75 -8.73 10.07
CA LEU B 237 -2.35 -8.29 10.13
C LEU B 237 -1.42 -9.35 10.73
N LYS B 238 -1.96 -10.28 11.55
CA LYS B 238 -1.17 -11.37 12.13
C LYS B 238 -0.95 -12.39 10.98
N MET B 239 -2.01 -12.61 10.20
CA MET B 239 -2.07 -13.51 9.05
C MET B 239 -1.12 -13.11 7.91
N ILE B 240 -1.05 -11.81 7.58
CA ILE B 240 -0.24 -11.32 6.46
C ILE B 240 1.06 -10.60 6.87
N GLY B 241 1.06 -9.95 8.04
CA GLY B 241 2.20 -9.21 8.56
C GLY B 241 1.89 -7.75 8.77
N PRO B 242 2.30 -7.13 9.90
CA PRO B 242 2.00 -5.70 10.11
C PRO B 242 3.05 -4.73 9.54
N THR B 243 4.15 -5.25 8.96
CA THR B 243 5.26 -4.44 8.43
C THR B 243 5.33 -4.36 6.88
N HIS B 244 4.20 -4.56 6.17
CA HIS B 244 4.19 -4.53 4.71
C HIS B 244 3.91 -3.14 4.09
N GLY B 245 3.75 -2.12 4.93
CA GLY B 245 3.50 -0.74 4.54
C GLY B 245 2.45 -0.56 3.47
N GLN B 246 2.87 -0.02 2.32
CA GLN B 246 2.00 0.23 1.16
C GLN B 246 1.61 -1.04 0.38
N MET B 247 2.19 -2.22 0.74
CA MET B 247 1.91 -3.51 0.09
C MET B 247 0.84 -4.34 0.87
N THR B 248 0.34 -3.80 1.99
CA THR B 248 -0.65 -4.46 2.85
C THR B 248 -1.91 -4.94 2.07
N VAL B 249 -2.57 -4.05 1.31
CA VAL B 249 -3.79 -4.35 0.52
C VAL B 249 -3.55 -5.47 -0.50
N THR B 250 -2.47 -5.40 -1.28
CA THR B 250 -2.14 -6.42 -2.27
C THR B 250 -1.82 -7.77 -1.57
N ARG B 251 -1.24 -7.72 -0.35
CA ARG B 251 -0.96 -8.92 0.48
C ARG B 251 -2.29 -9.46 1.02
N LEU B 252 -3.26 -8.56 1.29
CA LEU B 252 -4.61 -8.92 1.77
C LEU B 252 -5.43 -9.59 0.65
N VAL B 253 -5.36 -9.01 -0.57
CA VAL B 253 -6.03 -9.49 -1.78
C VAL B 253 -5.51 -10.89 -2.11
N ASN B 254 -4.18 -11.08 -1.99
CA ASN B 254 -3.50 -12.35 -2.24
C ASN B 254 -3.98 -13.43 -1.26
N THR B 255 -4.08 -13.06 0.03
CA THR B 255 -4.54 -13.95 1.10
C THR B 255 -5.97 -14.41 0.86
N LEU B 256 -6.89 -13.47 0.48
CA LEU B 256 -8.31 -13.73 0.20
C LEU B 256 -8.49 -14.60 -1.04
N LYS B 257 -7.60 -14.40 -2.05
CA LYS B 257 -7.57 -15.16 -3.31
C LYS B 257 -7.27 -16.63 -2.98
N GLU B 258 -6.35 -16.86 -2.02
CA GLU B 258 -5.93 -18.19 -1.53
C GLU B 258 -7.05 -18.90 -0.73
N GLY B 259 -8.18 -18.21 -0.53
CA GLY B 259 -9.35 -18.73 0.18
C GLY B 259 -9.27 -18.63 1.69
N LYS B 260 -8.26 -17.90 2.20
CA LYS B 260 -8.06 -17.70 3.64
C LYS B 260 -9.06 -16.69 4.17
N ARG B 261 -9.73 -17.05 5.29
CA ARG B 261 -10.75 -16.22 5.92
C ARG B 261 -10.47 -16.04 7.40
N LEU B 262 -11.23 -15.14 8.05
CA LEU B 262 -11.12 -14.89 9.50
C LEU B 262 -11.54 -16.17 10.24
N PRO B 263 -10.88 -16.53 11.37
CA PRO B 263 -11.26 -17.79 12.04
C PRO B 263 -12.58 -17.70 12.78
N CYS B 264 -13.14 -18.87 13.15
CA CYS B 264 -14.38 -18.95 13.90
C CYS B 264 -14.14 -18.30 15.26
N PRO B 265 -14.99 -17.33 15.68
CA PRO B 265 -14.79 -16.70 16.99
C PRO B 265 -14.88 -17.72 18.12
N PRO B 266 -14.21 -17.52 19.28
CA PRO B 266 -14.36 -18.50 20.37
C PRO B 266 -15.83 -18.59 20.80
N ASN B 267 -16.29 -19.81 21.13
CA ASN B 267 -17.66 -20.13 21.57
C ASN B 267 -18.74 -19.93 20.47
N CYS B 268 -18.32 -19.72 19.22
CA CYS B 268 -19.30 -19.55 18.16
C CYS B 268 -19.70 -20.92 17.59
N PRO B 269 -21.00 -21.27 17.58
CA PRO B 269 -21.42 -22.57 16.99
C PRO B 269 -21.19 -22.58 15.49
N ASP B 270 -20.87 -23.76 14.91
CA ASP B 270 -20.61 -23.91 13.47
C ASP B 270 -21.75 -23.42 12.58
N GLU B 271 -23.02 -23.59 13.00
CA GLU B 271 -24.20 -23.15 12.25
C GLU B 271 -24.16 -21.63 12.02
N VAL B 272 -23.70 -20.84 13.03
CA VAL B 272 -23.56 -19.38 12.96
C VAL B 272 -22.38 -19.06 12.05
N TYR B 273 -21.21 -19.73 12.27
CA TYR B 273 -19.99 -19.54 11.48
C TYR B 273 -20.21 -19.85 9.99
N GLN B 274 -21.10 -20.82 9.66
CA GLN B 274 -21.39 -21.13 8.25
C GLN B 274 -22.13 -19.99 7.56
N LEU B 275 -23.04 -19.30 8.28
CA LEU B 275 -23.79 -18.15 7.77
C LEU B 275 -22.80 -17.01 7.47
N MET B 276 -21.77 -16.86 8.33
CA MET B 276 -20.69 -15.88 8.23
C MET B 276 -19.86 -16.14 6.97
N ARG B 277 -19.54 -17.43 6.70
CA ARG B 277 -18.76 -17.86 5.53
C ARG B 277 -19.50 -17.55 4.23
N LYS B 278 -20.84 -17.68 4.22
CA LYS B 278 -21.71 -17.38 3.08
C LYS B 278 -21.64 -15.89 2.66
N CYS B 279 -21.20 -15.00 3.60
CA CYS B 279 -21.00 -13.56 3.37
C CYS B 279 -19.65 -13.40 2.69
N TRP B 280 -18.77 -14.38 2.87
CA TRP B 280 -17.40 -14.35 2.40
C TRP B 280 -17.05 -15.19 1.15
N GLU B 281 -17.99 -15.30 0.19
CA GLU B 281 -17.71 -16.01 -1.06
C GLU B 281 -16.92 -15.01 -1.92
N PHE B 282 -15.87 -15.47 -2.62
CA PHE B 282 -15.03 -14.59 -3.45
C PHE B 282 -15.82 -13.80 -4.49
N GLN B 283 -16.72 -14.47 -5.21
CA GLN B 283 -17.54 -13.84 -6.23
C GLN B 283 -18.73 -13.17 -5.58
N PRO B 284 -19.07 -11.91 -5.95
CA PRO B 284 -20.23 -11.23 -5.34
C PRO B 284 -21.56 -11.94 -5.57
N SER B 285 -21.74 -12.52 -6.77
CA SER B 285 -22.95 -13.26 -7.17
C SER B 285 -23.17 -14.55 -6.36
N ASN B 286 -22.09 -15.11 -5.78
CA ASN B 286 -22.13 -16.34 -4.97
C ASN B 286 -22.38 -16.10 -3.48
N ARG B 287 -22.41 -14.81 -3.04
CA ARG B 287 -22.65 -14.44 -1.65
C ARG B 287 -24.14 -14.49 -1.32
N THR B 288 -24.47 -14.77 -0.04
CA THR B 288 -25.83 -14.82 0.47
C THR B 288 -26.46 -13.41 0.44
N SER B 289 -27.78 -13.32 0.57
CA SER B 289 -28.46 -12.04 0.61
C SER B 289 -28.74 -11.68 2.08
N PHE B 290 -29.20 -10.44 2.36
CA PHE B 290 -29.55 -10.06 3.73
C PHE B 290 -30.81 -10.80 4.16
N GLN B 291 -31.77 -11.00 3.22
CA GLN B 291 -33.00 -11.72 3.52
C GLN B 291 -32.73 -13.18 3.91
N ASN B 292 -31.75 -13.82 3.26
CA ASN B 292 -31.36 -15.20 3.57
C ASN B 292 -30.67 -15.30 4.94
N LEU B 293 -29.85 -14.28 5.30
CA LEU B 293 -29.17 -14.20 6.60
C LEU B 293 -30.21 -14.11 7.73
N ILE B 294 -31.23 -13.23 7.57
CA ILE B 294 -32.35 -13.02 8.52
C ILE B 294 -33.02 -14.37 8.78
N GLU B 295 -33.40 -15.07 7.69
CA GLU B 295 -34.02 -16.40 7.76
C GLU B 295 -33.13 -17.40 8.53
N GLY B 296 -31.85 -17.44 8.20
CA GLY B 296 -30.87 -18.29 8.87
C GLY B 296 -30.74 -18.00 10.36
N PHE B 297 -30.70 -16.70 10.75
CA PHE B 297 -30.61 -16.31 12.16
C PHE B 297 -31.91 -16.59 12.92
N GLU B 298 -33.06 -16.25 12.32
CA GLU B 298 -34.37 -16.46 12.96
C GLU B 298 -34.70 -17.95 13.20
N ALA B 299 -34.09 -18.87 12.42
CA ALA B 299 -34.28 -20.31 12.54
C ALA B 299 -33.48 -20.84 13.75
N LEU B 300 -32.31 -20.24 14.01
CA LEU B 300 -31.45 -20.59 15.13
C LEU B 300 -32.02 -20.05 16.44
N LEU B 301 -32.82 -18.96 16.36
CA LEU B 301 -33.48 -18.30 17.49
C LEU B 301 -34.76 -19.00 17.95
N LYS B 302 -35.40 -19.79 17.04
CA LYS B 302 -36.63 -20.55 17.30
C LYS B 302 -36.30 -21.90 17.95
C2 66P C . 27.37 5.25 -5.48
C3 66P C . 27.79 3.92 -5.25
N4 66P C . 26.75 8.19 -6.02
C5 66P C . 25.03 4.79 -4.59
C7 66P C . 23.49 5.11 -6.58
C9 66P C . 23.29 6.64 -4.56
C10 66P C . 24.08 5.62 -3.73
C11 66P C . 27.93 7.67 -6.32
C12 66P C . 28.16 9.78 -6.86
C13 66P C . 26.88 9.54 -6.36
C15 66P C . 26.34 11.85 -6.72
O 66P C . 30.46 6.46 -6.98
C 66P C . 29.61 5.76 -6.44
C1 66P C . 28.28 6.20 -6.08
N1 66P C . 26.09 5.64 -5.14
C8 66P C . 22.55 5.94 -5.71
N2 66P C . 21.84 6.96 -6.55
C6 66P C . 24.27 4.10 -5.73
C4 66P C . 29.03 3.55 -5.59
N 66P C . 29.90 4.42 -6.16
C14 66P C . 25.96 10.59 -6.27
C16 66P C . 27.62 12.07 -7.25
C17 66P C . 28.56 11.05 -7.31
N3 66P C . 28.80 8.56 -6.83
C2 66P D . -23.13 8.89 16.78
C3 66P D . -24.01 9.28 15.74
N4 66P D . -21.51 8.13 19.22
C5 66P D . -21.15 8.54 15.21
C7 66P D . -20.69 6.05 15.36
C9 66P D . -18.92 7.72 16.10
C10 66P D . -19.66 8.82 15.32
C11 66P D . -22.82 8.33 19.32
C12 66P D . -22.19 7.89 21.39
C13 66P D . -21.09 7.86 20.52
C15 66P D . -19.67 7.36 22.40
O 66P D . -25.64 8.92 19.46
C 66P D . -25.08 9.01 18.37
C1 66P D . -23.68 8.75 18.13
N1 66P D . -21.79 8.62 16.52
C8 66P D . -19.19 6.34 15.48
N2 66P D . -18.52 5.28 16.30
C6 66P D . -21.39 7.17 14.57
C4 66P D . -25.31 9.52 15.99
N 66P D . -25.83 9.40 17.25
C14 66P D . -19.82 7.58 21.03
C16 66P D . -20.78 7.39 23.25
C17 66P D . -22.05 7.66 22.76
N3 66P D . -23.27 8.18 20.59
#